data_9NFF
#
_entry.id   9NFF
#
_cell.length_a   60.027
_cell.length_b   100.296
_cell.length_c   142.954
_cell.angle_alpha   90.000
_cell.angle_beta   90.000
_cell.angle_gamma   90.000
#
_symmetry.space_group_name_H-M   'C 2 2 21'
#
loop_
_entity.id
_entity.type
_entity.pdbx_description
1 polymer 'Cis-3-chloroacrylic acid dehalogenase'
2 non-polymer 'prop-2-ynoic acid'
3 water water
#
_entity_poly.entity_id   1
_entity_poly.type   'polypeptide(L)'
_entity_poly.pdbx_seq_one_letter_code
;PVYMVYVSQDRLTPSAKHAVAKAITDAHRGLTGTQHFLAQVNFQEQPAGNVFLGGVQQGGDTIFVHGLHREGRSADLKGQ
LAQRIVDDVSVAAEIDRKHIWVYFGEMPAQQMVEYGRFLPQPGHEGEWFDNLSSDERAFMETNVDVSRTENLYFQGLEHH
HHHH
;
_entity_poly.pdbx_strand_id   B,C,A
#
loop_
_chem_comp.id
_chem_comp.type
_chem_comp.name
_chem_comp.formula
A1BXY non-polymer 'prop-2-ynoic acid' 'C3 H2 O2'
#
# COMPACT_ATOMS: atom_id res chain seq x y z
N PRO A 1 6.25 4.72 12.06
CA PRO A 1 5.79 4.70 10.67
C PRO A 1 6.23 3.46 9.91
N VAL A 2 5.63 3.22 8.74
CA VAL A 2 6.16 2.27 7.77
C VAL A 2 6.30 3.02 6.46
N TYR A 3 7.52 3.08 5.92
CA TYR A 3 7.78 3.71 4.64
C TYR A 3 7.99 2.62 3.58
N MET A 4 6.98 2.45 2.74
CA MET A 4 7.02 1.49 1.66
C MET A 4 7.77 2.18 0.52
N VAL A 5 8.90 1.64 0.05
CA VAL A 5 9.71 2.35 -0.96
C VAL A 5 9.77 1.51 -2.23
N TYR A 6 9.14 2.01 -3.30
CA TYR A 6 8.98 1.27 -4.55
C TYR A 6 10.06 1.74 -5.53
N VAL A 7 10.98 0.82 -5.85
CA VAL A 7 12.14 1.09 -6.69
C VAL A 7 12.34 -0.06 -7.67
N SER A 8 13.03 0.25 -8.77
CA SER A 8 13.37 -0.79 -9.71
C SER A 8 14.48 -1.69 -9.16
N GLN A 9 14.43 -2.96 -9.53
CA GLN A 9 15.47 -3.93 -9.21
C GLN A 9 16.86 -3.36 -9.49
N ASP A 10 17.72 -3.36 -8.48
CA ASP A 10 19.13 -3.04 -8.58
C ASP A 10 19.40 -1.54 -8.69
N ARG A 11 18.37 -0.68 -8.74
CA ARG A 11 18.65 0.76 -8.75
C ARG A 11 19.36 1.19 -7.48
N LEU A 12 19.06 0.56 -6.36
CA LEU A 12 19.77 0.80 -5.12
C LEU A 12 20.51 -0.48 -4.74
N THR A 13 21.82 -0.39 -4.61
CA THR A 13 22.62 -1.50 -4.08
C THR A 13 22.27 -1.70 -2.62
N PRO A 14 22.76 -2.77 -1.98
CA PRO A 14 22.53 -2.88 -0.53
C PRO A 14 22.99 -1.66 0.23
N SER A 15 24.16 -1.12 -0.15
CA SER A 15 24.67 0.08 0.52
C SER A 15 23.80 1.30 0.24
N ALA A 16 23.34 1.46 -1.00
CA ALA A 16 22.46 2.57 -1.30
C ALA A 16 21.12 2.41 -0.59
N LYS A 17 20.60 1.19 -0.52
CA LYS A 17 19.40 0.97 0.28
C LYS A 17 19.63 1.37 1.73
N HIS A 18 20.80 1.03 2.30
CA HIS A 18 21.03 1.40 3.70
C HIS A 18 21.06 2.92 3.84
N ALA A 19 21.64 3.60 2.87
CA ALA A 19 21.70 5.06 2.93
C ALA A 19 20.30 5.66 2.85
N VAL A 20 19.48 5.18 1.91
CA VAL A 20 18.15 5.74 1.76
C VAL A 20 17.34 5.49 3.03
N ALA A 21 17.41 4.27 3.56
CA ALA A 21 16.67 3.95 4.77
C ALA A 21 17.11 4.84 5.91
N LYS A 22 18.40 5.15 5.97
CA LYS A 22 18.92 6.03 7.00
C LYS A 22 18.44 7.46 6.80
N ALA A 23 18.42 7.94 5.56
CA ALA A 23 17.93 9.28 5.29
C ALA A 23 16.49 9.41 5.74
N ILE A 24 15.66 8.44 5.39
CA ILE A 24 14.24 8.52 5.76
C ILE A 24 14.08 8.41 7.27
N THR A 25 14.78 7.48 7.90
CA THR A 25 14.61 7.29 9.33
C THR A 25 15.12 8.50 10.12
N ASP A 26 16.27 9.05 9.73
CA ASP A 26 16.76 10.25 10.38
C ASP A 26 15.78 11.39 10.21
N ALA A 27 15.22 11.56 9.01
CA ALA A 27 14.28 12.67 8.81
C ALA A 27 13.04 12.51 9.67
N HIS A 28 12.51 11.30 9.74
CA HIS A 28 11.33 11.06 10.55
C HIS A 28 11.60 11.34 12.03
N ARG A 29 12.70 10.78 12.56
CA ARG A 29 13.09 11.03 13.95
C ARG A 29 13.31 12.51 14.21
N GLY A 30 14.11 13.16 13.37
CA GLY A 30 14.43 14.56 13.57
C GLY A 30 13.19 15.45 13.61
N LEU A 31 12.21 15.16 12.74
CA LEU A 31 11.08 16.09 12.69
C LEU A 31 9.92 15.70 13.59
N THR A 32 9.80 14.43 13.98
CA THR A 32 8.70 14.00 14.83
C THR A 32 9.10 13.70 16.27
N GLY A 33 10.37 13.37 16.52
CA GLY A 33 10.81 12.88 17.81
C GLY A 33 10.64 11.39 18.03
N THR A 34 10.02 10.70 17.08
CA THR A 34 9.80 9.26 17.18
C THR A 34 11.14 8.53 17.11
N GLN A 35 11.39 7.64 18.07
CA GLN A 35 12.69 6.96 18.11
C GLN A 35 12.97 6.19 16.81
N HIS A 36 14.25 6.10 16.46
CA HIS A 36 14.67 5.42 15.24
C HIS A 36 14.02 4.06 15.09
N PHE A 37 14.07 3.25 16.14
CA PHE A 37 13.66 1.85 16.02
C PHE A 37 12.18 1.70 15.71
N LEU A 38 11.39 2.76 15.77
CA LEU A 38 9.97 2.68 15.44
C LEU A 38 9.70 2.96 13.96
N ALA A 39 10.73 3.26 13.18
CA ALA A 39 10.62 3.59 11.77
C ALA A 39 11.06 2.38 10.95
N GLN A 40 10.15 1.87 10.12
CA GLN A 40 10.47 0.79 9.20
C GLN A 40 10.59 1.37 7.81
N VAL A 41 11.64 0.98 7.07
CA VAL A 41 11.73 1.28 5.66
C VAL A 41 11.72 -0.07 4.94
N ASN A 42 10.79 -0.24 4.01
CA ASN A 42 10.50 -1.55 3.41
C ASN A 42 10.63 -1.40 1.90
N PHE A 43 11.72 -1.91 1.36
CA PHE A 43 12.03 -1.73 -0.05
C PHE A 43 11.30 -2.79 -0.88
N GLN A 44 10.57 -2.32 -1.89
CA GLN A 44 9.82 -3.17 -2.80
C GLN A 44 10.39 -2.94 -4.19
N GLU A 45 11.11 -3.93 -4.68
CA GLU A 45 11.82 -3.87 -5.96
C GLU A 45 11.03 -4.61 -7.02
N GLN A 46 10.91 -3.99 -8.19
CA GLN A 46 10.29 -4.61 -9.35
C GLN A 46 11.17 -4.44 -10.58
N PRO A 47 11.06 -5.33 -11.56
CA PRO A 47 11.86 -5.17 -12.79
C PRO A 47 11.59 -3.85 -13.48
N ALA A 48 12.66 -3.23 -13.99
CA ALA A 48 12.51 -1.99 -14.74
C ALA A 48 11.52 -2.17 -15.88
N GLY A 49 10.70 -1.16 -16.11
CA GLY A 49 9.61 -1.22 -17.08
C GLY A 49 8.24 -1.40 -16.47
N ASN A 50 8.15 -1.70 -15.18
CA ASN A 50 6.85 -1.86 -14.53
C ASN A 50 6.22 -0.53 -14.13
N VAL A 51 6.89 0.61 -14.30
CA VAL A 51 6.33 1.90 -13.95
C VAL A 51 5.93 2.63 -15.22
N PHE A 52 4.70 3.15 -15.24
CA PHE A 52 4.24 3.98 -16.33
C PHE A 52 3.88 5.35 -15.77
N LEU A 53 4.31 6.39 -16.48
CA LEU A 53 3.97 7.77 -16.16
C LEU A 53 3.22 8.36 -17.34
N GLY A 54 1.96 8.73 -17.14
CA GLY A 54 1.12 9.18 -18.22
C GLY A 54 0.99 8.17 -19.33
N GLY A 55 1.06 6.88 -19.00
CA GLY A 55 0.96 5.83 -19.98
C GLY A 55 2.25 5.48 -20.68
N VAL A 56 3.36 6.15 -20.34
CA VAL A 56 4.65 5.96 -20.99
C VAL A 56 5.54 5.12 -20.06
N GLN A 57 6.00 3.97 -20.55
CA GLN A 57 6.83 3.07 -19.78
C GLN A 57 8.13 3.77 -19.37
N GLN A 58 8.58 3.52 -18.14
CA GLN A 58 9.72 4.21 -17.58
C GLN A 58 10.91 3.26 -17.45
N GLY A 59 12.10 3.87 -17.35
CA GLY A 59 13.31 3.16 -16.99
C GLY A 59 13.34 2.77 -15.53
N GLY A 60 14.52 2.79 -14.92
CA GLY A 60 14.69 2.29 -13.57
C GLY A 60 14.88 3.35 -12.50
N ASP A 61 14.63 4.62 -12.79
CA ASP A 61 14.98 5.69 -11.86
C ASP A 61 13.82 6.20 -11.01
N THR A 62 12.58 5.78 -11.24
CA THR A 62 11.53 6.35 -10.40
C THR A 62 11.59 5.76 -8.99
N ILE A 63 11.26 6.61 -8.01
CA ILE A 63 11.15 6.20 -6.61
C ILE A 63 9.80 6.69 -6.10
N PHE A 64 8.98 5.77 -5.57
CA PHE A 64 7.74 6.15 -4.90
C PHE A 64 7.83 5.74 -3.44
N VAL A 65 7.73 6.72 -2.54
CA VAL A 65 7.70 6.53 -1.10
C VAL A 65 6.25 6.69 -0.64
N HIS A 66 5.68 5.61 -0.07
CA HIS A 66 4.35 5.60 0.55
C HIS A 66 4.61 5.51 2.04
N GLY A 67 4.47 6.63 2.74
CA GLY A 67 4.69 6.64 4.18
C GLY A 67 3.36 6.48 4.86
N LEU A 68 3.29 5.54 5.79
CA LEU A 68 2.11 5.31 6.61
C LEU A 68 2.43 5.76 8.03
N HIS A 69 1.61 6.71 8.53
CA HIS A 69 1.81 7.42 9.79
C HIS A 69 0.58 7.33 10.67
N ARG A 70 0.77 7.62 11.96
CA ARG A 70 -0.33 7.90 12.87
C ARG A 70 -0.94 9.27 12.60
N GLU A 71 -2.27 9.37 12.73
CA GLU A 71 -2.93 10.66 12.76
C GLU A 71 -2.42 11.52 13.91
N GLY A 72 -2.48 12.83 13.71
CA GLY A 72 -2.26 13.73 14.83
C GLY A 72 -1.24 14.83 14.61
N ARG A 73 -0.53 14.79 13.48
CA ARG A 73 0.47 15.81 13.17
C ARG A 73 -0.11 16.90 12.29
N SER A 74 0.56 18.04 12.28
CA SER A 74 0.07 19.19 11.53
C SER A 74 0.38 19.03 10.06
N ALA A 75 -0.41 19.71 9.24
CA ALA A 75 -0.10 19.81 7.81
C ALA A 75 1.29 20.40 7.61
N ASP A 76 1.64 21.41 8.41
CA ASP A 76 2.95 22.05 8.27
C ASP A 76 4.08 21.05 8.49
N LEU A 77 4.05 20.33 9.61
CA LEU A 77 5.08 19.36 9.92
C LEU A 77 5.17 18.28 8.84
N LYS A 78 4.02 17.80 8.35
CA LYS A 78 4.04 16.77 7.32
C LYS A 78 4.64 17.29 6.01
N GLY A 79 4.38 18.55 5.69
CA GLY A 79 5.05 19.15 4.54
C GLY A 79 6.56 19.20 4.72
N GLN A 80 7.01 19.66 5.90
CA GLN A 80 8.45 19.69 6.18
C GLN A 80 9.06 18.30 6.06
N LEU A 81 8.41 17.30 6.65
CA LEU A 81 8.89 15.93 6.59
C LEU A 81 8.98 15.42 5.14
N ALA A 82 7.94 15.65 4.35
CA ALA A 82 7.92 15.11 2.99
C ALA A 82 8.99 15.78 2.14
N GLN A 83 9.12 17.09 2.27
CA GLN A 83 10.19 17.81 1.57
C GLN A 83 11.56 17.29 1.97
N ARG A 84 11.79 17.11 3.26
CA ARG A 84 13.09 16.59 3.67
C ARG A 84 13.31 15.18 3.14
N ILE A 85 12.24 14.40 2.98
CA ILE A 85 12.41 13.07 2.39
C ILE A 85 12.84 13.20 0.93
N VAL A 86 12.18 14.08 0.17
CA VAL A 86 12.58 14.30 -1.22
C VAL A 86 14.06 14.68 -1.29
N ASP A 87 14.46 15.67 -0.48
CA ASP A 87 15.83 16.18 -0.52
C ASP A 87 16.84 15.10 -0.11
N ASP A 88 16.62 14.49 1.06
CA ASP A 88 17.62 13.59 1.61
C ASP A 88 17.67 12.26 0.87
N VAL A 89 16.55 11.80 0.30
CA VAL A 89 16.61 10.63 -0.57
C VAL A 89 17.27 11.00 -1.89
N SER A 90 17.05 12.23 -2.38
CA SER A 90 17.77 12.69 -3.56
C SER A 90 19.26 12.51 -3.36
N VAL A 91 19.76 12.94 -2.19
CA VAL A 91 21.19 12.87 -1.89
C VAL A 91 21.62 11.40 -1.69
N ALA A 92 20.88 10.64 -0.88
CA ALA A 92 21.32 9.29 -0.54
C ALA A 92 21.32 8.37 -1.75
N ALA A 93 20.29 8.46 -2.58
CA ALA A 93 20.19 7.62 -3.77
C ALA A 93 20.90 8.21 -4.97
N GLU A 94 21.50 9.37 -4.84
CA GLU A 94 22.12 10.08 -5.97
C GLU A 94 21.15 10.11 -7.16
N ILE A 95 20.02 10.76 -6.96
CA ILE A 95 18.93 10.72 -7.93
C ILE A 95 18.27 12.09 -8.02
N ASP A 96 17.86 12.47 -9.23
CA ASP A 96 17.23 13.77 -9.45
C ASP A 96 15.87 13.81 -8.77
N ARG A 97 15.60 14.93 -8.09
CA ARG A 97 14.38 15.06 -7.29
C ARG A 97 13.13 14.87 -8.12
N LYS A 98 13.20 15.18 -9.41
CA LYS A 98 12.00 15.03 -10.22
C LYS A 98 11.62 13.57 -10.43
N HIS A 99 12.48 12.63 -10.02
CA HIS A 99 12.15 11.22 -10.03
C HIS A 99 11.45 10.75 -8.75
N ILE A 100 11.24 11.63 -7.77
CA ILE A 100 10.85 11.19 -6.43
C ILE A 100 9.42 11.62 -6.16
N TRP A 101 8.55 10.64 -5.85
CA TRP A 101 7.17 10.80 -5.46
C TRP A 101 7.01 10.36 -4.01
N VAL A 102 6.24 11.10 -3.22
CA VAL A 102 6.08 10.87 -1.78
C VAL A 102 4.63 11.13 -1.40
N TYR A 103 3.95 10.11 -0.88
CA TYR A 103 2.57 10.23 -0.39
C TYR A 103 2.54 9.82 1.08
N PHE A 104 1.83 10.60 1.90
CA PHE A 104 1.63 10.30 3.31
C PHE A 104 0.18 9.89 3.57
N GLY A 105 -0.05 8.68 4.09
CA GLY A 105 -1.37 8.24 4.55
C GLY A 105 -1.33 8.09 6.06
N GLU A 106 -2.49 8.33 6.74
CA GLU A 106 -2.54 8.41 8.19
C GLU A 106 -3.67 7.55 8.74
N MET A 107 -3.44 7.01 9.93
CA MET A 107 -4.35 6.07 10.56
C MET A 107 -4.40 6.38 12.04
N PRO A 108 -5.54 6.13 12.69
CA PRO A 108 -5.57 6.25 14.15
C PRO A 108 -4.52 5.34 14.77
N ALA A 109 -3.78 5.88 15.74
CA ALA A 109 -2.71 5.09 16.36
C ALA A 109 -3.26 3.79 16.96
N GLN A 110 -4.55 3.78 17.33
CA GLN A 110 -5.19 2.62 17.97
C GLN A 110 -5.38 1.44 17.02
N GLN A 111 -5.24 1.63 15.72
CA GLN A 111 -5.19 0.51 14.80
C GLN A 111 -3.81 0.38 14.14
N MET A 112 -2.73 0.83 14.78
CA MET A 112 -1.39 0.48 14.35
C MET A 112 -0.57 -0.22 15.42
N VAL A 113 0.00 -1.36 15.01
CA VAL A 113 0.84 -2.23 15.84
C VAL A 113 2.25 -2.25 15.24
N GLU A 114 3.25 -2.04 16.08
CA GLU A 114 4.65 -2.30 15.73
C GLU A 114 5.26 -3.14 16.84
N TYR A 115 6.10 -4.10 16.46
CA TYR A 115 6.70 -5.04 17.42
C TYR A 115 5.62 -5.72 18.27
N GLY A 116 4.46 -5.99 17.65
CA GLY A 116 3.39 -6.67 18.36
C GLY A 116 2.65 -5.83 19.38
N ARG A 117 2.93 -4.54 19.46
CA ARG A 117 2.29 -3.67 20.45
C ARG A 117 1.61 -2.50 19.77
N PHE A 118 0.48 -2.07 20.33
CA PHE A 118 -0.24 -0.90 19.84
C PHE A 118 0.58 0.36 20.06
N LEU A 119 0.66 1.20 19.03
CA LEU A 119 1.40 2.44 19.11
C LEU A 119 0.67 3.44 20.00
N PRO A 120 1.40 4.38 20.61
CA PRO A 120 0.74 5.45 21.37
C PRO A 120 0.40 6.62 20.47
N GLN A 121 -0.18 7.67 21.03
CA GLN A 121 -0.40 8.91 20.29
C GLN A 121 0.94 9.61 20.03
N PRO A 122 1.05 10.34 18.92
CA PRO A 122 2.32 11.03 18.62
C PRO A 122 2.75 11.94 19.76
N GLY A 123 4.05 11.90 20.07
CA GLY A 123 4.61 12.67 21.16
C GLY A 123 4.65 11.95 22.50
N HIS A 124 4.05 10.76 22.60
CA HIS A 124 4.04 9.94 23.81
C HIS A 124 4.96 8.73 23.70
N GLU A 125 5.92 8.75 22.76
CA GLU A 125 6.71 7.55 22.49
C GLU A 125 7.65 7.22 23.64
N GLY A 126 8.21 8.23 24.31
CA GLY A 126 9.11 7.95 25.42
C GLY A 126 8.42 7.19 26.54
N GLU A 127 7.25 7.68 26.95
CA GLU A 127 6.50 7.07 28.05
C GLU A 127 6.08 5.66 27.67
N TRP A 128 5.58 5.50 26.45
CA TRP A 128 5.18 4.20 25.93
C TRP A 128 6.34 3.22 25.96
N PHE A 129 7.49 3.64 25.42
CA PHE A 129 8.68 2.79 25.41
C PHE A 129 9.08 2.38 26.82
N ASP A 130 8.98 3.30 27.78
CA ASP A 130 9.36 2.99 29.16
C ASP A 130 8.49 1.90 29.75
N ASN A 131 7.22 1.84 29.36
CA ASN A 131 6.26 0.89 29.92
C ASN A 131 6.23 -0.43 29.18
N LEU A 132 7.06 -0.61 28.15
CA LEU A 132 7.21 -1.95 27.58
C LEU A 132 8.04 -2.82 28.52
N SER A 133 7.88 -4.14 28.36
CA SER A 133 8.72 -5.07 29.09
C SER A 133 10.18 -4.92 28.68
N SER A 134 11.08 -5.37 29.55
CA SER A 134 12.51 -5.18 29.27
C SER A 134 12.97 -6.03 28.10
N ASP A 135 12.37 -7.19 27.87
CA ASP A 135 12.73 -7.96 26.68
C ASP A 135 12.32 -7.21 25.40
N GLU A 136 11.16 -6.55 25.43
CA GLU A 136 10.71 -5.82 24.25
C GLU A 136 11.58 -4.60 24.00
N ARG A 137 11.86 -3.83 25.06
CA ARG A 137 12.77 -2.69 24.94
C ARG A 137 14.11 -3.13 24.37
N ALA A 138 14.70 -4.21 24.91
CA ALA A 138 16.02 -4.64 24.46
C ALA A 138 16.00 -5.02 22.98
N PHE A 139 14.96 -5.75 22.55
CA PHE A 139 14.86 -6.09 21.13
C PHE A 139 14.80 -4.83 20.27
N MET A 140 13.94 -3.86 20.64
CA MET A 140 13.83 -2.58 19.92
C MET A 140 15.15 -1.83 19.85
N GLU A 141 15.81 -1.67 21.00
CA GLU A 141 17.10 -0.99 21.08
C GLU A 141 18.13 -1.58 20.14
N THR A 142 18.08 -2.89 19.89
CA THR A 142 19.03 -3.38 18.88
C THR A 142 18.85 -2.77 17.49
N ASN A 143 17.75 -2.04 17.25
CA ASN A 143 17.44 -1.48 15.93
C ASN A 143 17.69 0.03 15.85
N VAL A 144 18.93 0.46 16.04
CA VAL A 144 19.29 1.87 16.06
C VAL A 144 20.56 2.06 15.23
N ASP A 145 20.49 2.89 14.19
CA ASP A 145 21.67 3.17 13.36
C ASP A 145 21.77 4.65 13.03
N PRO B 1 -12.13 -7.15 2.72
CA PRO B 1 -10.83 -6.51 2.97
C PRO B 1 -9.76 -7.00 2.01
N VAL B 2 -8.67 -6.25 1.88
CA VAL B 2 -7.45 -6.76 1.28
C VAL B 2 -6.36 -6.64 2.33
N TYR B 3 -5.79 -7.78 2.72
CA TYR B 3 -4.65 -7.82 3.64
C TYR B 3 -3.41 -8.03 2.81
N MET B 4 -2.63 -6.97 2.63
CA MET B 4 -1.32 -7.01 2.04
C MET B 4 -0.30 -7.52 3.06
N VAL B 5 0.39 -8.62 2.75
CA VAL B 5 1.26 -9.27 3.73
C VAL B 5 2.69 -9.28 3.19
N TYR B 6 3.53 -8.39 3.73
CA TYR B 6 4.91 -8.25 3.28
C TYR B 6 5.83 -9.15 4.09
N VAL B 7 6.50 -10.07 3.38
CA VAL B 7 7.41 -11.05 3.97
C VAL B 7 8.66 -11.19 3.10
N SER B 8 9.69 -11.79 3.69
CA SER B 8 10.89 -12.11 2.93
C SER B 8 10.69 -13.39 2.13
N GLN B 9 11.25 -13.41 0.93
CA GLN B 9 11.18 -14.57 0.06
C GLN B 9 11.65 -15.81 0.81
N ASP B 10 10.92 -16.92 0.64
CA ASP B 10 11.21 -18.24 1.20
C ASP B 10 11.10 -18.31 2.72
N ARG B 11 10.72 -17.22 3.41
CA ARG B 11 10.44 -17.34 4.84
C ARG B 11 9.22 -18.23 5.11
N LEU B 12 8.24 -18.22 4.21
CA LEU B 12 7.03 -19.02 4.38
C LEU B 12 6.94 -20.02 3.24
N THR B 13 6.99 -21.32 3.57
CA THR B 13 6.71 -22.40 2.64
C THR B 13 5.29 -22.25 2.12
N PRO B 14 4.91 -22.95 1.04
CA PRO B 14 3.49 -22.96 0.65
C PRO B 14 2.55 -23.29 1.80
N SER B 15 2.93 -24.23 2.67
CA SER B 15 2.03 -24.60 3.77
C SER B 15 1.92 -23.48 4.80
N ALA B 16 3.03 -22.81 5.09
CA ALA B 16 3.00 -21.70 6.03
C ALA B 16 2.17 -20.53 5.49
N LYS B 17 2.32 -20.22 4.20
CA LYS B 17 1.49 -19.19 3.59
C LYS B 17 0.02 -19.54 3.71
N HIS B 18 -0.34 -20.77 3.37
CA HIS B 18 -1.73 -21.18 3.54
C HIS B 18 -2.18 -20.99 4.98
N ALA B 19 -1.35 -21.39 5.95
CA ALA B 19 -1.73 -21.25 7.35
C ALA B 19 -1.92 -19.79 7.73
N VAL B 20 -0.99 -18.93 7.33
CA VAL B 20 -1.09 -17.51 7.67
C VAL B 20 -2.33 -16.89 7.03
N ALA B 21 -2.55 -17.16 5.73
CA ALA B 21 -3.77 -16.68 5.09
C ALA B 21 -5.01 -17.14 5.86
N LYS B 22 -5.00 -18.39 6.33
CA LYS B 22 -6.14 -18.91 7.07
C LYS B 22 -6.34 -18.20 8.39
N ALA B 23 -5.25 -17.93 9.12
CA ALA B 23 -5.38 -17.21 10.38
C ALA B 23 -5.97 -15.83 10.16
N ILE B 24 -5.45 -15.10 9.17
CA ILE B 24 -5.98 -13.76 8.92
C ILE B 24 -7.45 -13.83 8.49
N THR B 25 -7.77 -14.71 7.54
CA THR B 25 -9.13 -14.77 7.00
C THR B 25 -10.13 -15.20 8.06
N ASP B 26 -9.75 -16.17 8.89
CA ASP B 26 -10.64 -16.63 9.94
C ASP B 26 -10.78 -15.56 11.03
N ALA B 27 -9.73 -14.78 11.28
CA ALA B 27 -9.87 -13.68 12.23
C ALA B 27 -10.85 -12.64 11.71
N HIS B 28 -10.70 -12.26 10.44
CA HIS B 28 -11.57 -11.24 9.89
C HIS B 28 -13.02 -11.71 9.92
N ARG B 29 -13.28 -12.91 9.43
CA ARG B 29 -14.65 -13.42 9.46
C ARG B 29 -15.18 -13.51 10.89
N GLY B 30 -14.39 -14.06 11.81
CA GLY B 30 -14.91 -14.32 13.14
C GLY B 30 -15.23 -13.05 13.90
N LEU B 31 -14.48 -11.97 13.64
CA LEU B 31 -14.73 -10.75 14.41
C LEU B 31 -15.67 -9.79 13.71
N THR B 32 -15.75 -9.83 12.38
CA THR B 32 -16.62 -8.93 11.62
C THR B 32 -17.90 -9.58 11.13
N GLY B 33 -17.91 -10.89 10.89
CA GLY B 33 -19.04 -11.54 10.27
C GLY B 33 -19.04 -11.50 8.74
N THR B 34 -18.11 -10.78 8.13
CA THR B 34 -17.98 -10.77 6.68
C THR B 34 -17.63 -12.18 6.18
N GLN B 35 -18.21 -12.54 5.03
CA GLN B 35 -17.98 -13.88 4.49
C GLN B 35 -16.50 -14.10 4.19
N HIS B 36 -16.08 -15.35 4.37
CA HIS B 36 -14.69 -15.74 4.10
C HIS B 36 -14.23 -15.25 2.73
N PHE B 37 -14.99 -15.56 1.68
CA PHE B 37 -14.58 -15.31 0.31
C PHE B 37 -14.45 -13.83 -0.03
N LEU B 38 -14.90 -12.93 0.85
CA LEU B 38 -14.66 -11.51 0.64
C LEU B 38 -13.32 -11.03 1.18
N ALA B 39 -12.58 -11.89 1.87
CA ALA B 39 -11.29 -11.54 2.44
C ALA B 39 -10.16 -12.00 1.52
N GLN B 40 -9.32 -11.07 1.09
CA GLN B 40 -8.14 -11.40 0.31
C GLN B 40 -6.91 -11.27 1.19
N VAL B 41 -6.01 -12.26 1.13
CA VAL B 41 -4.66 -12.16 1.66
C VAL B 41 -3.71 -12.19 0.47
N ASN B 42 -2.93 -11.12 0.31
CA ASN B 42 -2.05 -10.95 -0.85
C ASN B 42 -0.62 -10.88 -0.35
N PHE B 43 0.13 -11.96 -0.54
CA PHE B 43 1.52 -12.02 -0.05
C PHE B 43 2.46 -11.28 -1.01
N GLN B 44 3.27 -10.37 -0.45
CA GLN B 44 4.28 -9.62 -1.19
C GLN B 44 5.66 -10.01 -0.68
N GLU B 45 6.36 -10.82 -1.48
CA GLU B 45 7.67 -11.31 -1.08
C GLU B 45 8.77 -10.45 -1.65
N GLN B 46 9.81 -10.26 -0.85
CA GLN B 46 11.01 -9.53 -1.29
C GLN B 46 12.22 -10.21 -0.66
N PRO B 47 13.38 -10.17 -1.31
CA PRO B 47 14.57 -10.80 -0.71
C PRO B 47 14.80 -10.33 0.73
N ALA B 48 15.28 -11.24 1.56
CA ALA B 48 15.78 -10.82 2.86
C ALA B 48 16.80 -9.71 2.66
N GLY B 49 16.84 -8.78 3.59
CA GLY B 49 17.69 -7.63 3.47
C GLY B 49 16.99 -6.36 3.02
N ASN B 50 15.77 -6.45 2.45
CA ASN B 50 15.05 -5.24 2.02
C ASN B 50 14.31 -4.50 3.16
N VAL B 51 14.29 -5.00 4.39
CA VAL B 51 13.59 -4.33 5.49
C VAL B 51 14.62 -3.70 6.40
N PHE B 52 14.40 -2.44 6.76
CA PHE B 52 15.26 -1.73 7.68
C PHE B 52 14.44 -1.25 8.85
N LEU B 53 14.93 -1.50 10.07
CA LEU B 53 14.32 -0.96 11.27
C LEU B 53 15.32 -0.03 11.94
N GLY B 54 14.90 1.20 12.22
CA GLY B 54 15.82 2.20 12.75
C GLY B 54 17.09 2.34 11.95
N GLY B 55 17.05 2.02 10.66
CA GLY B 55 18.23 2.06 9.82
C GLY B 55 19.03 0.77 9.79
N VAL B 56 18.66 -0.22 10.58
CA VAL B 56 19.40 -1.49 10.68
C VAL B 56 18.77 -2.50 9.74
N GLN B 57 19.57 -3.10 8.83
CA GLN B 57 19.04 -4.11 7.93
C GLN B 57 18.63 -5.36 8.71
N GLN B 58 17.44 -5.88 8.43
CA GLN B 58 16.89 -7.05 9.10
C GLN B 58 17.16 -8.32 8.29
N GLY B 59 17.05 -9.47 8.95
CA GLY B 59 17.02 -10.74 8.27
C GLY B 59 15.63 -11.03 7.73
N GLY B 60 15.31 -12.31 7.60
CA GLY B 60 14.06 -12.65 6.96
C GLY B 60 12.84 -12.81 7.84
N ASP B 61 12.85 -12.34 9.09
CA ASP B 61 11.69 -12.60 9.94
C ASP B 61 10.58 -11.56 9.90
N THR B 62 10.82 -10.32 9.53
CA THR B 62 9.77 -9.33 9.73
C THR B 62 8.53 -9.65 8.91
N ILE B 63 7.36 -9.39 9.49
CA ILE B 63 6.10 -9.48 8.78
C ILE B 63 5.37 -8.15 8.97
N PHE B 64 4.98 -7.54 7.86
CA PHE B 64 4.12 -6.36 7.89
C PHE B 64 2.77 -6.70 7.27
N VAL B 65 1.69 -6.50 8.02
CA VAL B 65 0.33 -6.66 7.49
C VAL B 65 -0.31 -5.28 7.34
N HIS B 66 -0.69 -4.94 6.13
CA HIS B 66 -1.44 -3.74 5.82
C HIS B 66 -2.84 -4.23 5.46
N GLY B 67 -3.76 -4.13 6.42
CA GLY B 67 -5.15 -4.46 6.19
C GLY B 67 -5.88 -3.22 5.70
N LEU B 68 -6.61 -3.38 4.61
CA LEU B 68 -7.39 -2.33 3.98
C LEU B 68 -8.85 -2.73 4.12
N HIS B 69 -9.63 -1.91 4.87
CA HIS B 69 -10.99 -2.19 5.28
C HIS B 69 -11.95 -1.12 4.79
N ARG B 70 -13.23 -1.44 4.91
CA ARG B 70 -14.30 -0.45 4.78
C ARG B 70 -14.41 0.37 6.06
N GLU B 71 -14.73 1.66 5.93
CA GLU B 71 -15.07 2.48 7.11
C GLU B 71 -16.33 1.92 7.77
N GLY B 72 -16.45 2.18 9.09
CA GLY B 72 -17.68 1.86 9.82
C GLY B 72 -17.61 0.99 11.07
N ARG B 73 -16.43 0.43 11.38
CA ARG B 73 -16.30 -0.41 12.56
C ARG B 73 -15.71 0.38 13.74
N SER B 74 -16.02 -0.06 14.96
CA SER B 74 -15.56 0.64 16.15
C SER B 74 -14.05 0.51 16.30
N ALA B 75 -13.44 1.44 17.03
CA ALA B 75 -12.03 1.29 17.37
C ALA B 75 -11.79 0.04 18.19
N ASP B 76 -12.76 -0.32 19.03
CA ASP B 76 -12.56 -1.48 19.88
C ASP B 76 -12.48 -2.75 19.05
N LEU B 77 -13.39 -2.90 18.09
N LEU B 77 -13.38 -2.92 18.08
CA LEU B 77 -13.37 -4.08 17.22
CA LEU B 77 -13.35 -4.12 17.24
C LEU B 77 -12.07 -4.15 16.43
C LEU B 77 -12.07 -4.16 16.41
N LYS B 78 -11.66 -3.03 15.85
CA LYS B 78 -10.41 -3.01 15.07
C LYS B 78 -9.22 -3.38 15.95
N GLY B 79 -9.20 -2.91 17.19
CA GLY B 79 -8.15 -3.32 18.09
C GLY B 79 -8.15 -4.82 18.36
N GLN B 80 -9.35 -5.40 18.57
CA GLN B 80 -9.43 -6.84 18.79
C GLN B 80 -8.96 -7.62 17.58
N LEU B 81 -9.34 -7.15 16.38
CA LEU B 81 -8.93 -7.82 15.15
C LEU B 81 -7.43 -7.70 14.93
N ALA B 82 -6.84 -6.54 15.20
CA ALA B 82 -5.40 -6.40 15.04
C ALA B 82 -4.64 -7.33 15.99
N GLN B 83 -5.06 -7.36 17.26
CA GLN B 83 -4.43 -8.24 18.25
C GLN B 83 -4.61 -9.71 17.88
N ARG B 84 -5.76 -10.07 17.32
CA ARG B 84 -5.94 -11.46 16.92
C ARG B 84 -5.07 -11.81 15.71
N ILE B 85 -4.92 -10.87 14.77
CA ILE B 85 -4.00 -11.14 13.66
C ILE B 85 -2.58 -11.31 14.19
N VAL B 86 -2.17 -10.46 15.12
CA VAL B 86 -0.85 -10.63 15.74
C VAL B 86 -0.71 -12.03 16.33
N ASP B 87 -1.62 -12.41 17.22
CA ASP B 87 -1.49 -13.69 17.92
C ASP B 87 -1.52 -14.87 16.94
N ASP B 88 -2.53 -14.89 16.07
CA ASP B 88 -2.74 -16.05 15.21
C ASP B 88 -1.70 -16.15 14.11
N VAL B 89 -1.19 -15.01 13.61
CA VAL B 89 -0.11 -15.09 12.64
C VAL B 89 1.17 -15.51 13.35
N SER B 90 1.37 -15.11 14.59
CA SER B 90 2.52 -15.60 15.35
C SER B 90 2.50 -17.12 15.44
N VAL B 91 1.32 -17.69 15.69
CA VAL B 91 1.24 -19.14 15.75
C VAL B 91 1.45 -19.74 14.38
N ALA B 92 0.75 -19.23 13.37
CA ALA B 92 0.71 -19.90 12.08
C ALA B 92 2.07 -19.88 11.39
N ALA B 93 2.85 -18.82 11.60
CA ALA B 93 4.12 -18.68 10.91
C ALA B 93 5.32 -19.03 11.80
N GLU B 94 5.06 -19.55 12.99
CA GLU B 94 6.09 -19.86 14.00
C GLU B 94 7.08 -18.71 14.14
N ILE B 95 6.52 -17.53 14.36
CA ILE B 95 7.29 -16.29 14.36
C ILE B 95 6.94 -15.50 15.62
N ASP B 96 7.95 -14.88 16.22
CA ASP B 96 7.72 -14.15 17.47
C ASP B 96 6.88 -12.90 17.21
N ARG B 97 5.99 -12.59 18.17
CA ARG B 97 5.12 -11.42 18.04
C ARG B 97 5.89 -10.13 17.82
N LYS B 98 7.11 -10.05 18.35
CA LYS B 98 7.88 -8.81 18.18
C LYS B 98 8.24 -8.54 16.74
N HIS B 99 8.15 -9.53 15.87
CA HIS B 99 8.44 -9.33 14.46
C HIS B 99 7.23 -8.85 13.68
N ILE B 100 6.06 -8.80 14.29
CA ILE B 100 4.83 -8.59 13.53
C ILE B 100 4.37 -7.14 13.68
N TRP B 101 4.15 -6.47 12.56
CA TRP B 101 3.59 -5.12 12.51
C TRP B 101 2.26 -5.18 11.80
N VAL B 102 1.25 -4.47 12.30
CA VAL B 102 -0.08 -4.47 11.68
C VAL B 102 -0.62 -3.05 11.61
N TYR B 103 -0.95 -2.59 10.38
CA TYR B 103 -1.62 -1.31 10.14
C TYR B 103 -2.93 -1.54 9.43
N PHE B 104 -4.01 -0.91 9.94
CA PHE B 104 -5.32 -0.94 9.30
C PHE B 104 -5.61 0.44 8.71
N GLY B 105 -5.95 0.49 7.43
CA GLY B 105 -6.45 1.72 6.82
C GLY B 105 -7.86 1.50 6.30
N GLU B 106 -8.65 2.56 6.33
CA GLU B 106 -10.08 2.49 6.05
C GLU B 106 -10.49 3.41 4.92
N MET B 107 -11.50 2.98 4.16
CA MET B 107 -11.97 3.64 2.95
C MET B 107 -13.48 3.63 2.94
N PRO B 108 -14.13 4.65 2.39
CA PRO B 108 -15.58 4.52 2.16
C PRO B 108 -15.87 3.27 1.35
N ALA B 109 -16.91 2.54 1.74
CA ALA B 109 -17.29 1.34 1.01
C ALA B 109 -17.68 1.65 -0.43
N GLN B 110 -18.19 2.86 -0.68
CA GLN B 110 -18.59 3.27 -2.02
C GLN B 110 -17.43 3.49 -2.97
N GLN B 111 -16.18 3.41 -2.50
CA GLN B 111 -15.03 3.43 -3.39
C GLN B 111 -14.20 2.16 -3.24
N MET B 112 -14.86 1.04 -2.93
CA MET B 112 -14.19 -0.25 -2.86
C MET B 112 -14.96 -1.31 -3.64
N VAL B 113 -14.24 -2.02 -4.48
CA VAL B 113 -14.79 -3.01 -5.40
C VAL B 113 -14.12 -4.36 -5.16
N GLU B 114 -14.93 -5.40 -4.93
CA GLU B 114 -14.44 -6.77 -4.92
C GLU B 114 -15.25 -7.59 -5.91
N TYR B 115 -14.58 -8.52 -6.59
CA TYR B 115 -15.21 -9.33 -7.63
C TYR B 115 -15.97 -8.44 -8.63
N GLY B 116 -15.38 -7.32 -8.97
CA GLY B 116 -16.03 -6.39 -9.89
C GLY B 116 -17.31 -5.76 -9.40
N ARG B 117 -17.62 -5.82 -8.09
CA ARG B 117 -18.84 -5.17 -7.61
C ARG B 117 -18.54 -4.31 -6.37
N PHE B 118 -19.29 -3.22 -6.24
CA PHE B 118 -19.11 -2.31 -5.12
C PHE B 118 -19.54 -2.97 -3.82
N LEU B 119 -18.76 -2.77 -2.77
CA LEU B 119 -19.03 -3.43 -1.51
C LEU B 119 -20.21 -2.76 -0.80
N PRO B 120 -20.89 -3.48 0.09
CA PRO B 120 -21.94 -2.87 0.93
C PRO B 120 -21.32 -2.25 2.18
N GLN B 121 -22.16 -1.60 2.97
CA GLN B 121 -21.73 -1.13 4.28
C GLN B 121 -21.47 -2.32 5.22
N PRO B 122 -20.54 -2.19 6.16
CA PRO B 122 -20.22 -3.34 7.05
C PRO B 122 -21.44 -3.77 7.83
N GLY B 123 -21.70 -5.08 7.83
CA GLY B 123 -22.86 -5.64 8.45
C GLY B 123 -23.97 -5.99 7.48
N HIS B 124 -23.97 -5.39 6.29
CA HIS B 124 -24.96 -5.64 5.25
C HIS B 124 -24.46 -6.58 4.18
N GLU B 125 -23.51 -7.44 4.51
CA GLU B 125 -23.03 -8.40 3.54
C GLU B 125 -24.12 -9.39 3.17
N GLY B 126 -25.13 -9.59 4.03
CA GLY B 126 -26.22 -10.52 3.75
C GLY B 126 -27.17 -10.11 2.64
N GLU B 127 -27.84 -8.96 2.75
CA GLU B 127 -28.67 -8.49 1.64
C GLU B 127 -27.85 -8.26 0.39
N TRP B 128 -26.66 -7.67 0.54
CA TRP B 128 -25.73 -7.55 -0.59
C TRP B 128 -25.60 -8.87 -1.33
N PHE B 129 -25.22 -9.93 -0.60
CA PHE B 129 -25.02 -11.24 -1.22
C PHE B 129 -26.32 -11.79 -1.79
N ASP B 130 -27.46 -11.44 -1.18
CA ASP B 130 -28.74 -11.92 -1.70
C ASP B 130 -29.21 -11.19 -2.96
N ASN B 131 -28.70 -9.98 -3.25
CA ASN B 131 -28.90 -9.35 -4.56
C ASN B 131 -27.84 -9.69 -5.58
N LEU B 132 -26.97 -10.65 -5.30
CA LEU B 132 -25.95 -10.93 -6.29
C LEU B 132 -26.52 -11.97 -7.23
N SER B 133 -26.03 -12.00 -8.46
CA SER B 133 -26.57 -12.97 -9.40
C SER B 133 -26.09 -14.37 -9.03
N SER B 134 -26.73 -15.37 -9.65
CA SER B 134 -26.42 -16.76 -9.36
C SER B 134 -24.99 -17.12 -9.73
N ASP B 135 -24.52 -16.72 -10.92
CA ASP B 135 -23.15 -17.08 -11.28
C ASP B 135 -22.13 -16.45 -10.35
N GLU B 136 -22.32 -15.19 -9.98
CA GLU B 136 -21.26 -14.59 -9.18
C GLU B 136 -21.35 -15.05 -7.73
N ARG B 137 -22.58 -15.37 -7.28
CA ARG B 137 -22.82 -16.10 -6.03
C ARG B 137 -21.98 -17.38 -6.01
N ALA B 138 -22.11 -18.19 -7.07
CA ALA B 138 -21.39 -19.47 -7.15
C ALA B 138 -19.87 -19.27 -7.21
N PHE B 139 -19.41 -18.35 -8.06
CA PHE B 139 -17.98 -18.11 -8.15
C PHE B 139 -17.41 -17.73 -6.79
N MET B 140 -18.05 -16.77 -6.11
CA MET B 140 -17.69 -16.41 -4.74
C MET B 140 -17.68 -17.61 -3.81
N GLU B 141 -18.62 -18.53 -3.99
CA GLU B 141 -18.68 -19.70 -3.12
C GLU B 141 -17.49 -20.64 -3.35
N THR B 142 -16.92 -20.64 -4.55
CA THR B 142 -15.74 -21.49 -4.74
C THR B 142 -14.53 -21.01 -3.93
N ASN B 143 -14.51 -19.77 -3.48
CA ASN B 143 -13.36 -19.26 -2.72
C ASN B 143 -13.60 -19.35 -1.21
N VAL B 144 -13.81 -20.58 -0.74
CA VAL B 144 -13.89 -20.92 0.67
C VAL B 144 -13.02 -22.15 0.94
N ASP B 145 -12.16 -22.07 1.94
CA ASP B 145 -11.26 -23.16 2.31
C ASP B 145 -11.97 -24.18 3.22
N PRO C 1 -2.27 10.92 -9.27
CA PRO C 1 -2.50 9.70 -8.51
C PRO C 1 -1.37 8.70 -8.66
N VAL C 2 -1.29 7.74 -7.74
CA VAL C 2 -0.50 6.52 -7.95
C VAL C 2 -1.45 5.33 -7.91
N TYR C 3 -1.47 4.56 -8.98
CA TYR C 3 -2.22 3.31 -9.03
C TYR C 3 -1.22 2.18 -8.88
N MET C 4 -1.22 1.50 -7.73
CA MET C 4 -0.48 0.26 -7.61
C MET C 4 -1.31 -0.93 -8.06
N VAL C 5 -0.74 -1.72 -8.96
CA VAL C 5 -1.48 -2.75 -9.66
C VAL C 5 -0.81 -4.08 -9.35
N TYR C 6 -1.45 -4.88 -8.51
CA TYR C 6 -0.90 -6.15 -8.03
C TYR C 6 -1.38 -7.29 -8.90
N VAL C 7 -0.42 -7.99 -9.52
CA VAL C 7 -0.70 -9.04 -10.49
C VAL C 7 0.35 -10.14 -10.37
N SER C 8 0.01 -11.28 -10.93
CA SER C 8 0.92 -12.41 -11.00
C SER C 8 1.97 -12.19 -12.07
N GLN C 9 3.19 -12.61 -11.75
CA GLN C 9 4.27 -12.65 -12.72
C GLN C 9 3.84 -13.38 -13.99
N ASP C 10 4.04 -12.73 -15.14
CA ASP C 10 3.79 -13.24 -16.48
C ASP C 10 2.31 -13.36 -16.84
N ARG C 11 1.39 -12.89 -16.00
CA ARG C 11 0.01 -12.83 -16.50
C ARG C 11 -0.11 -11.76 -17.58
N LEU C 12 0.68 -10.70 -17.49
CA LEU C 12 0.60 -9.59 -18.42
C LEU C 12 1.94 -9.43 -19.12
N THR C 13 1.92 -9.53 -20.45
CA THR C 13 3.09 -9.22 -21.25
C THR C 13 3.38 -7.73 -21.15
N PRO C 14 4.55 -7.26 -21.60
CA PRO C 14 4.78 -5.80 -21.59
C PRO C 14 3.73 -5.02 -22.38
N SER C 15 3.20 -5.57 -23.48
CA SER C 15 2.15 -4.86 -24.21
C SER C 15 0.83 -4.88 -23.45
N ALA C 16 0.52 -5.99 -22.77
CA ALA C 16 -0.65 -6.04 -21.90
C ALA C 16 -0.51 -5.07 -20.73
N LYS C 17 0.68 -4.96 -20.14
CA LYS C 17 0.94 -3.93 -19.14
C LYS C 17 0.71 -2.54 -19.71
N HIS C 18 1.30 -2.24 -20.87
CA HIS C 18 1.06 -0.94 -21.50
C HIS C 18 -0.42 -0.69 -21.71
N ALA C 19 -1.16 -1.74 -22.09
CA ALA C 19 -2.60 -1.59 -22.31
C ALA C 19 -3.33 -1.28 -21.01
N VAL C 20 -3.03 -2.04 -19.95
CA VAL C 20 -3.66 -1.83 -18.65
C VAL C 20 -3.36 -0.43 -18.13
N ALA C 21 -2.09 -0.03 -18.19
CA ALA C 21 -1.67 1.25 -17.65
C ALA C 21 -2.27 2.41 -18.45
N LYS C 22 -2.40 2.24 -19.76
CA LYS C 22 -3.01 3.32 -20.53
C LYS C 22 -4.52 3.38 -20.29
N ALA C 23 -5.17 2.23 -20.01
CA ALA C 23 -6.59 2.27 -19.71
C ALA C 23 -6.89 2.93 -18.36
N ILE C 24 -6.14 2.56 -17.32
CA ILE C 24 -6.28 3.26 -16.04
C ILE C 24 -6.00 4.76 -16.22
N THR C 25 -4.92 5.10 -16.92
CA THR C 25 -4.54 6.51 -17.09
C THR C 25 -5.61 7.29 -17.85
N ASP C 26 -6.14 6.71 -18.93
CA ASP C 26 -7.20 7.36 -19.70
C ASP C 26 -8.42 7.57 -18.84
N ALA C 27 -8.85 6.53 -18.13
CA ALA C 27 -9.95 6.65 -17.19
C ALA C 27 -9.75 7.83 -16.26
N HIS C 28 -8.61 7.86 -15.58
CA HIS C 28 -8.38 8.92 -14.59
C HIS C 28 -8.42 10.29 -15.25
N ARG C 29 -7.63 10.48 -16.32
CA ARG C 29 -7.64 11.74 -17.05
C ARG C 29 -9.04 12.14 -17.48
N GLY C 30 -9.75 11.24 -18.14
CA GLY C 30 -11.02 11.57 -18.74
C GLY C 30 -12.08 11.88 -17.73
N LEU C 31 -11.94 11.37 -16.49
CA LEU C 31 -12.96 11.62 -15.50
C LEU C 31 -12.61 12.73 -14.51
N THR C 32 -11.32 13.03 -14.31
CA THR C 32 -10.91 14.06 -13.36
C THR C 32 -10.36 15.32 -14.00
N GLY C 33 -9.88 15.26 -15.24
CA GLY C 33 -9.21 16.39 -15.85
C GLY C 33 -7.73 16.49 -15.55
N THR C 34 -7.24 15.71 -14.58
CA THR C 34 -5.82 15.66 -14.25
C THR C 34 -4.98 15.23 -15.44
N GLN C 35 -3.89 15.94 -15.70
CA GLN C 35 -3.07 15.67 -16.89
C GLN C 35 -2.50 14.27 -16.83
N HIS C 36 -2.33 13.66 -18.00
CA HIS C 36 -1.87 12.29 -18.09
C HIS C 36 -0.60 12.09 -17.26
N PHE C 37 0.37 13.00 -17.38
CA PHE C 37 1.69 12.78 -16.80
C PHE C 37 1.71 12.83 -15.29
N LEU C 38 0.63 13.23 -14.65
CA LEU C 38 0.55 13.19 -13.19
C LEU C 38 0.11 11.84 -12.67
N ALA C 39 -0.21 10.89 -13.56
CA ALA C 39 -0.75 9.61 -13.17
C ALA C 39 0.32 8.53 -13.36
N GLN C 40 0.63 7.83 -12.27
CA GLN C 40 1.58 6.72 -12.29
C GLN C 40 0.78 5.43 -12.15
N VAL C 41 1.12 4.45 -12.97
CA VAL C 41 0.67 3.08 -12.80
C VAL C 41 1.92 2.27 -12.48
N ASN C 42 1.90 1.58 -11.34
CA ASN C 42 3.08 0.93 -10.79
C ASN C 42 2.74 -0.56 -10.60
N PHE C 43 3.24 -1.38 -11.53
CA PHE C 43 2.94 -2.80 -11.57
C PHE C 43 3.78 -3.54 -10.53
N GLN C 44 3.11 -4.23 -9.61
CA GLN C 44 3.74 -5.09 -8.61
C GLN C 44 3.38 -6.54 -8.92
N GLU C 45 4.34 -7.26 -9.49
CA GLU C 45 4.16 -8.66 -9.84
C GLU C 45 4.69 -9.58 -8.74
N GLN C 46 4.00 -10.69 -8.53
CA GLN C 46 4.40 -11.69 -7.56
C GLN C 46 4.16 -13.05 -8.18
N PRO C 47 4.84 -14.09 -7.70
CA PRO C 47 4.58 -15.42 -8.25
C PRO C 47 3.12 -15.78 -8.07
N ALA C 48 2.56 -16.46 -9.08
CA ALA C 48 1.24 -17.02 -8.92
C ALA C 48 1.19 -17.88 -7.67
N GLY C 49 0.07 -17.83 -6.96
CA GLY C 49 -0.07 -18.56 -5.72
C GLY C 49 0.14 -17.74 -4.48
N ASN C 50 0.49 -16.46 -4.60
CA ASN C 50 0.60 -15.62 -3.42
C ASN C 50 -0.70 -14.92 -3.06
N VAL C 51 -1.78 -15.14 -3.81
CA VAL C 51 -3.07 -14.51 -3.55
C VAL C 51 -4.02 -15.56 -3.00
N PHE C 52 -4.68 -15.24 -1.88
CA PHE C 52 -5.68 -16.10 -1.29
C PHE C 52 -6.99 -15.33 -1.19
N LEU C 53 -8.09 -16.01 -1.48
CA LEU C 53 -9.44 -15.50 -1.31
C LEU C 53 -10.19 -16.53 -0.48
N GLY C 54 -10.82 -16.08 0.61
CA GLY C 54 -11.45 -17.01 1.53
C GLY C 54 -10.54 -18.16 1.93
N GLY C 55 -9.22 -17.89 1.97
CA GLY C 55 -8.25 -18.94 2.26
C GLY C 55 -7.82 -19.81 1.09
N VAL C 56 -8.36 -19.60 -0.11
CA VAL C 56 -8.08 -20.49 -1.24
C VAL C 56 -7.04 -19.86 -2.16
N GLN C 57 -5.99 -20.62 -2.44
CA GLN C 57 -4.91 -20.15 -3.29
C GLN C 57 -5.41 -19.94 -4.70
N GLN C 58 -5.05 -18.82 -5.30
CA GLN C 58 -5.54 -18.43 -6.62
C GLN C 58 -4.51 -18.73 -7.70
N GLY C 59 -5.00 -18.94 -8.93
CA GLY C 59 -4.11 -18.99 -10.07
C GLY C 59 -3.50 -17.62 -10.36
N GLY C 60 -3.26 -17.34 -11.63
CA GLY C 60 -2.66 -16.06 -11.97
C GLY C 60 -3.61 -15.02 -12.54
N ASP C 61 -4.91 -15.13 -12.29
CA ASP C 61 -5.88 -14.23 -12.90
C ASP C 61 -6.45 -13.19 -11.93
N THR C 62 -5.79 -12.92 -10.81
CA THR C 62 -6.27 -11.94 -9.85
C THR C 62 -5.63 -10.60 -10.15
N ILE C 63 -6.42 -9.52 -10.08
CA ILE C 63 -5.88 -8.18 -10.22
C ILE C 63 -6.41 -7.33 -9.07
N PHE C 64 -5.50 -6.68 -8.35
CA PHE C 64 -5.90 -5.71 -7.34
C PHE C 64 -5.33 -4.35 -7.71
N VAL C 65 -6.20 -3.35 -7.82
CA VAL C 65 -5.81 -1.98 -8.09
C VAL C 65 -6.01 -1.17 -6.81
N HIS C 66 -4.92 -0.63 -6.26
CA HIS C 66 -4.98 0.27 -5.12
C HIS C 66 -4.66 1.65 -5.68
N GLY C 67 -5.67 2.48 -5.85
CA GLY C 67 -5.47 3.84 -6.32
C GLY C 67 -5.36 4.81 -5.15
N LEU C 68 -4.37 5.68 -5.23
CA LEU C 68 -4.07 6.64 -4.18
C LEU C 68 -4.23 8.02 -4.81
N HIS C 69 -5.17 8.80 -4.26
CA HIS C 69 -5.66 10.06 -4.84
C HIS C 69 -5.61 11.19 -3.81
N ARG C 70 -5.64 12.43 -4.29
CA ARG C 70 -5.89 13.57 -3.41
C ARG C 70 -7.35 13.58 -2.97
N GLU C 71 -7.58 14.03 -1.73
CA GLU C 71 -8.94 14.32 -1.27
C GLU C 71 -9.58 15.42 -2.13
N GLY C 72 -10.91 15.48 -2.09
CA GLY C 72 -11.66 16.53 -2.74
C GLY C 72 -12.68 16.10 -3.78
N ARG C 73 -12.71 14.83 -4.22
CA ARG C 73 -13.64 14.40 -5.24
C ARG C 73 -14.89 13.78 -4.62
N SER C 74 -15.98 13.79 -5.38
CA SER C 74 -17.25 13.30 -4.87
C SER C 74 -17.31 11.77 -4.93
N ALA C 75 -18.13 11.20 -4.04
CA ALA C 75 -18.39 9.76 -4.08
C ALA C 75 -18.92 9.34 -5.43
N ASP C 76 -19.77 10.17 -6.04
CA ASP C 76 -20.30 9.85 -7.35
C ASP C 76 -19.19 9.67 -8.38
N LEU C 77 -18.27 10.64 -8.44
CA LEU C 77 -17.25 10.58 -9.47
C LEU C 77 -16.28 9.44 -9.21
N LYS C 78 -15.91 9.22 -7.94
CA LYS C 78 -15.02 8.11 -7.60
C LYS C 78 -15.67 6.76 -7.92
N GLY C 79 -16.98 6.63 -7.72
CA GLY C 79 -17.66 5.41 -8.14
C GLY C 79 -17.57 5.21 -9.65
N GLN C 80 -17.85 6.28 -10.41
CA GLN C 80 -17.75 6.19 -11.86
C GLN C 80 -16.34 5.76 -12.27
N LEU C 81 -15.33 6.37 -11.64
CA LEU C 81 -13.94 6.06 -11.98
C LEU C 81 -13.58 4.62 -11.65
N ALA C 82 -14.00 4.14 -10.48
CA ALA C 82 -13.70 2.76 -10.10
C ALA C 82 -14.38 1.80 -11.08
N GLN C 83 -15.62 2.09 -11.46
CA GLN C 83 -16.32 1.26 -12.43
C GLN C 83 -15.62 1.26 -13.79
N ARG C 84 -15.18 2.42 -14.24
CA ARG C 84 -14.54 2.47 -15.56
C ARG C 84 -13.21 1.76 -15.53
N ILE C 85 -12.50 1.80 -14.39
CA ILE C 85 -11.26 1.05 -14.27
C ILE C 85 -11.54 -0.45 -14.32
N VAL C 86 -12.58 -0.90 -13.64
CA VAL C 86 -12.97 -2.32 -13.72
C VAL C 86 -13.23 -2.71 -15.17
N ASP C 87 -14.08 -1.93 -15.87
CA ASP C 87 -14.45 -2.30 -17.24
C ASP C 87 -13.26 -2.28 -18.18
N ASP C 88 -12.48 -1.20 -18.14
CA ASP C 88 -11.44 -1.00 -19.11
C ASP C 88 -10.21 -1.85 -18.83
N VAL C 89 -9.95 -2.20 -17.57
CA VAL C 89 -8.88 -3.16 -17.30
C VAL C 89 -9.31 -4.56 -17.69
N SER C 90 -10.60 -4.89 -17.49
CA SER C 90 -11.13 -6.16 -17.97
C SER C 90 -10.89 -6.33 -19.48
N VAL C 91 -11.24 -5.31 -20.26
CA VAL C 91 -10.95 -5.37 -21.70
C VAL C 91 -9.44 -5.40 -21.95
N ALA C 92 -8.70 -4.51 -21.31
CA ALA C 92 -7.27 -4.37 -21.64
C ALA C 92 -6.45 -5.60 -21.27
N ALA C 93 -6.76 -6.25 -20.15
CA ALA C 93 -6.03 -7.44 -19.73
C ALA C 93 -6.73 -8.73 -20.15
N GLU C 94 -7.83 -8.63 -20.90
CA GLU C 94 -8.71 -9.76 -21.21
C GLU C 94 -8.87 -10.67 -20.00
N ILE C 95 -9.55 -10.15 -18.97
CA ILE C 95 -9.74 -10.81 -17.69
C ILE C 95 -11.16 -10.52 -17.26
N ASP C 96 -11.89 -11.55 -16.82
CA ASP C 96 -13.29 -11.35 -16.47
C ASP C 96 -13.38 -10.35 -15.31
N ARG C 97 -14.42 -9.50 -15.33
CA ARG C 97 -14.56 -8.47 -14.30
C ARG C 97 -14.56 -9.06 -12.91
N LYS C 98 -15.05 -10.28 -12.76
CA LYS C 98 -15.14 -10.92 -11.45
C LYS C 98 -13.77 -11.12 -10.79
N HIS C 99 -12.68 -10.99 -11.54
CA HIS C 99 -11.33 -11.16 -11.01
C HIS C 99 -10.74 -9.85 -10.52
N ILE C 100 -11.41 -8.72 -10.71
CA ILE C 100 -10.81 -7.41 -10.55
C ILE C 100 -11.29 -6.80 -9.23
N TRP C 101 -10.34 -6.36 -8.40
CA TRP C 101 -10.62 -5.66 -7.16
C TRP C 101 -10.01 -4.26 -7.27
N VAL C 102 -10.75 -3.25 -6.81
CA VAL C 102 -10.30 -1.85 -6.92
C VAL C 102 -10.62 -1.12 -5.62
N TYR C 103 -9.60 -0.56 -4.96
CA TYR C 103 -9.77 0.26 -3.77
C TYR C 103 -9.17 1.64 -4.01
N PHE C 104 -9.90 2.70 -3.64
CA PHE C 104 -9.40 4.07 -3.68
C PHE C 104 -9.13 4.55 -2.26
N GLY C 105 -7.91 5.00 -1.99
CA GLY C 105 -7.58 5.72 -0.78
C GLY C 105 -7.28 7.17 -1.13
N GLU C 106 -7.58 8.08 -0.20
CA GLU C 106 -7.42 9.52 -0.43
C GLU C 106 -6.59 10.18 0.67
N MET C 107 -5.87 11.25 0.30
CA MET C 107 -4.99 11.97 1.22
C MET C 107 -5.09 13.46 0.93
N PRO C 108 -4.81 14.31 1.91
CA PRO C 108 -4.67 15.74 1.63
C PRO C 108 -3.58 15.98 0.59
N ALA C 109 -3.91 16.78 -0.43
CA ALA C 109 -2.95 17.15 -1.45
C ALA C 109 -1.66 17.72 -0.85
N GLN C 110 -1.75 18.34 0.33
CA GLN C 110 -0.58 18.97 0.94
C GLN C 110 0.44 17.96 1.47
N GLN C 111 0.11 16.68 1.51
CA GLN C 111 1.07 15.66 1.90
C GLN C 111 1.28 14.66 0.77
N MET C 112 1.15 15.11 -0.47
CA MET C 112 1.54 14.27 -1.58
C MET C 112 2.39 15.07 -2.57
N VAL C 113 3.40 14.39 -3.09
CA VAL C 113 4.48 14.96 -3.89
C VAL C 113 4.62 14.08 -5.12
N GLU C 114 4.67 14.70 -6.29
CA GLU C 114 5.01 14.02 -7.53
C GLU C 114 6.05 14.87 -8.24
N TYR C 115 7.05 14.20 -8.83
CA TYR C 115 8.18 14.88 -9.46
C TYR C 115 8.84 15.84 -8.49
N GLY C 116 8.89 15.45 -7.21
CA GLY C 116 9.59 16.27 -6.23
C GLY C 116 8.87 17.55 -5.86
N ARG C 117 7.60 17.69 -6.24
CA ARG C 117 6.84 18.90 -5.94
C ARG C 117 5.49 18.54 -5.31
N PHE C 118 4.97 19.46 -4.49
CA PHE C 118 3.69 19.25 -3.84
C PHE C 118 2.53 19.45 -4.82
N LEU C 119 1.57 18.54 -4.78
CA LEU C 119 0.42 18.63 -5.66
C LEU C 119 -0.45 19.81 -5.27
N PRO C 120 -1.38 20.22 -6.17
CA PRO C 120 -2.39 21.21 -5.77
C PRO C 120 -3.74 20.55 -5.51
N GLN C 121 -4.71 21.34 -5.09
CA GLN C 121 -6.06 20.84 -4.94
C GLN C 121 -6.64 20.50 -6.32
N PRO C 122 -7.46 19.46 -6.43
CA PRO C 122 -7.97 19.05 -7.74
C PRO C 122 -8.67 20.20 -8.45
N GLY C 123 -8.34 20.36 -9.73
CA GLY C 123 -8.90 21.42 -10.56
C GLY C 123 -8.00 22.62 -10.76
N HIS C 124 -6.88 22.70 -10.04
CA HIS C 124 -5.91 23.78 -10.21
C HIS C 124 -4.56 23.24 -10.64
N GLU C 125 -4.59 22.09 -11.32
CA GLU C 125 -3.38 21.49 -11.88
C GLU C 125 -2.80 22.31 -13.03
N GLY C 126 -3.62 23.11 -13.72
CA GLY C 126 -3.12 23.89 -14.84
C GLY C 126 -2.20 25.03 -14.42
N GLU C 127 -2.67 25.88 -13.51
CA GLU C 127 -1.85 26.98 -13.05
C GLU C 127 -0.73 26.52 -12.11
N TRP C 128 -0.93 25.40 -11.44
CA TRP C 128 0.18 24.76 -10.73
C TRP C 128 1.28 24.36 -11.71
N PHE C 129 0.91 23.63 -12.76
CA PHE C 129 1.86 23.26 -13.79
C PHE C 129 2.56 24.49 -14.37
N ASP C 130 1.81 25.57 -14.54
CA ASP C 130 2.38 26.78 -15.12
C ASP C 130 3.37 27.44 -14.17
N ASN C 131 3.11 27.37 -12.86
CA ASN C 131 3.99 28.02 -11.89
C ASN C 131 5.43 27.49 -11.93
N LEU C 132 5.64 26.24 -12.32
CA LEU C 132 6.94 25.62 -12.10
C LEU C 132 7.88 25.77 -13.30
N SER C 133 9.13 25.40 -13.08
CA SER C 133 10.23 25.70 -13.99
C SER C 133 10.05 25.00 -15.34
N SER C 134 10.72 25.55 -16.35
CA SER C 134 10.61 25.02 -17.71
C SER C 134 11.23 23.62 -17.82
N ASP C 135 12.29 23.37 -17.07
CA ASP C 135 12.89 22.04 -17.06
C ASP C 135 11.91 21.00 -16.53
N GLU C 136 11.21 21.32 -15.43
CA GLU C 136 10.24 20.38 -14.87
C GLU C 136 9.07 20.19 -15.83
N ARG C 137 8.54 21.27 -16.40
CA ARG C 137 7.47 21.16 -17.38
C ARG C 137 7.87 20.25 -18.54
N ALA C 138 9.09 20.42 -19.04
CA ALA C 138 9.56 19.60 -20.15
C ALA C 138 9.69 18.14 -19.74
N PHE C 139 10.23 17.87 -18.54
CA PHE C 139 10.41 16.49 -18.13
C PHE C 139 9.06 15.81 -17.97
N MET C 140 8.09 16.51 -17.39
CA MET C 140 6.74 15.98 -17.24
C MET C 140 6.09 15.70 -18.58
N GLU C 141 6.18 16.64 -19.54
CA GLU C 141 5.36 16.49 -20.73
C GLU C 141 5.85 15.37 -21.66
N THR C 142 7.10 14.95 -21.54
CA THR C 142 7.51 13.75 -22.28
C THR C 142 6.74 12.52 -21.81
N ASN C 143 6.16 12.56 -20.62
CA ASN C 143 5.49 11.41 -20.01
C ASN C 143 4.00 11.41 -20.34
N VAL C 144 3.68 11.59 -21.62
CA VAL C 144 2.30 11.50 -22.08
C VAL C 144 2.30 10.62 -23.32
N ASP C 145 1.36 9.67 -23.37
CA ASP C 145 1.29 8.67 -24.44
C ASP C 145 0.63 9.28 -25.68
C01 A1BXY D . 4.01 5.07 13.69
C02 A1BXY D . 4.12 6.20 13.40
C03 A1BXY D . 4.30 7.64 13.07
O04 A1BXY D . 3.32 8.31 12.66
O05 A1BXY D . 5.39 8.16 13.29
C01 A1BXY E . -13.68 -4.67 2.72
C02 A1BXY E . -13.92 -4.88 3.84
C03 A1BXY E . -14.19 -5.13 5.30
O04 A1BXY E . -14.16 -4.17 6.06
O05 A1BXY E . -14.47 -6.27 5.72
C01 A1BXY F . -2.72 12.79 -7.32
C02 A1BXY F . -3.85 12.78 -7.66
C03 A1BXY F . -5.30 12.74 -8.07
O04 A1BXY F . -5.64 12.83 -9.29
O05 A1BXY F . -6.17 12.70 -7.20
#